data_3L0X
#
_entry.id   3L0X
#
_cell.length_a   122.999
_cell.length_b   122.999
_cell.length_c   122.999
_cell.angle_alpha   90.000
_cell.angle_beta   90.000
_cell.angle_gamma   90.000
#
_symmetry.space_group_name_H-M   'P 21 3'
#
loop_
_entity.id
_entity.type
_entity.pdbx_description
1 polymer 'Proliferating cell nuclear antigen'
2 polymer 'Proliferating cell nuclear antigen'
#
loop_
_entity_poly.entity_id
_entity_poly.type
_entity_poly.pdbx_seq_one_letter_code
_entity_poly.pdbx_strand_id
1 'polypeptide(L)'
;HHHHHHMLEAKFEEASLFKRIIDGFKDCVQLVNFQCKEDGIIAQAVDDSRVLLVSLEIGVEAFQEYRCDHPVTLGMDLTS
LSKILRCGNNTDTLTLIADNTPDSIILLFEDTKKDRIAEYSLKLMDIDADFLKIEELQYDSTLSLPSSEFSKIVRDLSQL
SDSINIMIT
;
A
2 'polypeptide(L)'
;ETIKFVADGDIGSGSVIIKPFVDMEHPETSIKLEMDQPVDLTFGAKYLLDIIKGSSLSDRVGIRLSSEAPALFQFDLKSG
FLQFFLAPKFNDEE
;
B
#
# COMPACT_ATOMS: atom_id res chain seq x y z
N MET A 7 -24.60 5.64 8.66
CA MET A 7 -23.96 6.64 9.58
C MET A 7 -22.67 6.06 10.16
N LEU A 8 -21.55 6.56 9.67
CA LEU A 8 -20.23 6.02 9.95
C LEU A 8 -19.52 6.75 11.08
N GLU A 9 -18.86 5.97 11.94
CA GLU A 9 -17.94 6.49 12.94
C GLU A 9 -16.81 5.48 13.13
N ALA A 10 -15.59 5.93 12.87
CA ALA A 10 -14.42 5.06 12.86
C ALA A 10 -13.24 5.74 13.53
N LYS A 11 -12.71 5.12 14.59
CA LYS A 11 -11.71 5.76 15.42
C LYS A 11 -10.37 5.04 15.35
N PHE A 12 -9.43 5.62 14.59
CA PHE A 12 -8.03 5.19 14.63
C PHE A 12 -7.47 5.58 15.98
N GLU A 13 -6.73 4.68 16.63
CA GLU A 13 -6.15 5.00 17.94
C GLU A 13 -5.00 6.00 17.82
N GLU A 14 -4.34 6.02 16.66
CA GLU A 14 -3.26 6.96 16.39
C GLU A 14 -3.31 7.37 14.92
N ALA A 15 -3.44 8.68 14.68
CA ALA A 15 -3.64 9.25 13.34
C ALA A 15 -2.50 8.92 12.39
N SER A 16 -1.32 8.66 12.95
CA SER A 16 -0.15 8.26 12.20
C SER A 16 -0.46 7.17 11.18
N LEU A 17 -1.16 6.14 11.63
CA LEU A 17 -1.50 5.00 10.80
C LEU A 17 -2.16 5.46 9.50
N PHE A 18 -3.32 6.11 9.63
CA PHE A 18 -4.09 6.54 8.46
C PHE A 18 -3.30 7.46 7.55
N LYS A 19 -2.53 8.36 8.15
CA LYS A 19 -1.68 9.27 7.40
C LYS A 19 -0.71 8.46 6.53
N ARG A 20 -0.15 7.39 7.11
CA ARG A 20 0.84 6.55 6.44
C ARG A 20 0.22 5.78 5.26
N ILE A 21 -1.02 5.35 5.46
CA ILE A 21 -1.76 4.59 4.46
C ILE A 21 -2.09 5.42 3.23
N ILE A 22 -2.30 6.73 3.44
CA ILE A 22 -2.61 7.66 2.35
C ILE A 22 -1.36 7.98 1.51
N ASP A 23 -0.18 7.84 2.13
CA ASP A 23 1.08 8.02 1.41
C ASP A 23 1.24 6.96 0.32
N GLY A 24 0.69 5.77 0.58
CA GLY A 24 0.72 4.67 -0.38
C GLY A 24 -0.05 4.97 -1.65
N PHE A 25 -1.06 5.82 -1.55
CA PHE A 25 -1.87 6.19 -2.71
C PHE A 25 -1.33 7.45 -3.38
N LYS A 26 -0.90 8.40 -2.57
CA LYS A 26 -0.37 9.67 -3.04
C LYS A 26 0.95 9.42 -3.75
N ASP A 27 1.38 10.34 -4.60
CA ASP A 27 2.62 10.18 -5.41
C ASP A 27 2.42 9.13 -6.51
N CYS A 28 1.29 8.44 -6.48
CA CYS A 28 0.93 7.52 -7.56
C CYS A 28 -0.56 7.51 -7.95
N VAL A 29 -1.44 8.09 -7.13
CA VAL A 29 -2.85 8.29 -7.54
C VAL A 29 -3.55 9.56 -7.03
N GLN A 30 -4.53 10.00 -7.81
CA GLN A 30 -5.19 11.30 -7.65
C GLN A 30 -6.50 11.23 -6.85
N LEU A 31 -7.50 10.50 -7.38
CA LEU A 31 -8.78 10.35 -6.69
C LEU A 31 -8.93 8.91 -6.17
N VAL A 32 -9.98 8.63 -5.40
CA VAL A 32 -10.20 7.30 -4.83
C VAL A 32 -11.51 7.17 -4.05
N ASN A 33 -12.24 6.11 -4.35
CA ASN A 33 -13.41 5.73 -3.56
C ASN A 33 -13.00 4.89 -2.35
N PHE A 34 -13.59 5.21 -1.20
CA PHE A 34 -13.37 4.46 0.00
C PHE A 34 -14.68 3.79 0.37
N GLN A 35 -14.74 2.47 0.25
CA GLN A 35 -15.94 1.74 0.58
C GLN A 35 -15.97 1.34 2.04
N CYS A 36 -16.98 1.83 2.75
CA CYS A 36 -17.16 1.51 4.16
C CYS A 36 -18.33 0.57 4.31
N LYS A 37 -18.08 -0.55 4.96
CA LYS A 37 -19.10 -1.54 5.20
C LYS A 37 -18.95 -2.07 6.61
N GLU A 38 -19.94 -2.83 7.07
CA GLU A 38 -19.98 -3.42 8.41
C GLU A 38 -18.62 -3.91 8.92
N ASP A 39 -17.86 -4.58 8.06
CA ASP A 39 -16.62 -5.24 8.47
C ASP A 39 -15.34 -4.47 8.16
N GLY A 40 -15.46 -3.19 7.79
CA GLY A 40 -14.29 -2.34 7.56
C GLY A 40 -14.27 -1.46 6.32
N ILE A 41 -13.08 -1.04 5.93
CA ILE A 41 -12.91 -0.15 4.80
C ILE A 41 -12.07 -0.81 3.72
N ILE A 42 -12.48 -0.63 2.47
CA ILE A 42 -11.68 -1.04 1.34
C ILE A 42 -11.62 0.13 0.34
N ALA A 43 -10.53 0.23 -0.40
CA ALA A 43 -10.32 1.33 -1.35
C ALA A 43 -9.42 0.92 -2.50
N GLN A 44 -9.78 1.36 -3.70
CA GLN A 44 -9.04 0.97 -4.90
C GLN A 44 -8.78 2.16 -5.82
N ALA A 45 -7.57 2.18 -6.41
CA ALA A 45 -7.15 3.28 -7.28
C ALA A 45 -6.22 2.79 -8.37
N VAL A 46 -6.32 3.39 -9.56
CA VAL A 46 -5.46 3.02 -10.69
C VAL A 46 -4.72 4.25 -11.18
N ASP A 47 -3.41 4.14 -11.42
CA ASP A 47 -2.63 5.30 -11.87
C ASP A 47 -3.03 5.71 -13.29
N ASP A 48 -2.52 6.86 -13.74
CA ASP A 48 -2.86 7.42 -15.07
C ASP A 48 -2.59 6.48 -16.24
N SER A 49 -1.43 5.84 -16.23
CA SER A 49 -1.02 4.96 -17.32
C SER A 49 -1.65 3.57 -17.25
N ARG A 50 -2.34 3.30 -16.14
CA ARG A 50 -3.03 2.03 -15.91
C ARG A 50 -2.09 0.80 -15.82
N VAL A 51 -0.95 0.97 -15.18
CA VAL A 51 -0.02 -0.14 -14.99
C VAL A 51 0.21 -0.42 -13.51
N LEU A 52 -0.50 0.32 -12.66
CA LEU A 52 -0.40 0.17 -11.22
C LEU A 52 -1.77 0.30 -10.57
N LEU A 53 -2.13 -0.72 -9.81
CA LEU A 53 -3.34 -0.69 -8.99
C LEU A 53 -2.95 -0.75 -7.53
N VAL A 54 -3.64 0.05 -6.72
CA VAL A 54 -3.42 0.07 -5.28
C VAL A 54 -4.70 -0.41 -4.63
N SER A 55 -4.62 -1.50 -3.88
CA SER A 55 -5.80 -2.02 -3.18
C SER A 55 -5.61 -1.99 -1.67
N LEU A 56 -6.53 -1.34 -0.98
CA LEU A 56 -6.45 -1.23 0.47
C LEU A 56 -7.56 -1.98 1.13
N GLU A 57 -7.24 -2.63 2.25
CA GLU A 57 -8.26 -3.22 3.09
C GLU A 57 -7.90 -3.05 4.56
N ILE A 58 -8.83 -2.49 5.33
CA ILE A 58 -8.63 -2.33 6.76
C ILE A 58 -9.80 -2.95 7.50
N GLY A 59 -9.50 -3.95 8.33
CA GLY A 59 -10.53 -4.64 9.10
C GLY A 59 -10.94 -3.85 10.32
N VAL A 60 -11.95 -4.35 11.03
CA VAL A 60 -12.45 -3.72 12.24
C VAL A 60 -11.36 -3.65 13.32
N GLU A 61 -10.57 -4.71 13.41
CA GLU A 61 -9.56 -4.84 14.46
C GLU A 61 -8.40 -3.84 14.38
N ALA A 62 -8.27 -3.13 13.26
CA ALA A 62 -7.18 -2.17 13.09
C ALA A 62 -7.52 -0.83 13.72
N PHE A 63 -8.81 -0.58 13.92
CA PHE A 63 -9.29 0.65 14.56
C PHE A 63 -9.30 0.52 16.08
N GLN A 64 -9.55 1.65 16.75
CA GLN A 64 -9.93 1.61 18.15
C GLN A 64 -11.41 1.30 18.33
N GLU A 65 -12.28 2.22 17.94
CA GLU A 65 -13.70 1.88 17.79
C GLU A 65 -13.97 1.91 16.28
N TYR A 66 -15.05 1.25 15.89
CA TYR A 66 -15.54 1.28 14.52
C TYR A 66 -16.99 0.85 14.51
N ARG A 67 -17.83 1.68 13.91
CA ARG A 67 -19.22 1.31 13.69
C ARG A 67 -19.70 1.89 12.37
N CYS A 68 -20.17 1.01 11.49
CA CYS A 68 -20.73 1.41 10.22
C CYS A 68 -21.94 0.55 9.96
N ASP A 69 -23.11 1.14 10.11
CA ASP A 69 -24.37 0.41 9.96
C ASP A 69 -25.00 0.46 8.55
N HIS A 70 -24.20 0.85 7.54
CA HIS A 70 -24.71 1.06 6.20
C HIS A 70 -23.57 1.25 5.21
N PRO A 71 -23.45 0.36 4.20
CA PRO A 71 -22.41 0.58 3.21
C PRO A 71 -22.49 1.98 2.63
N VAL A 72 -21.38 2.71 2.70
CA VAL A 72 -21.30 4.08 2.19
C VAL A 72 -20.01 4.27 1.44
N THR A 73 -20.11 4.72 0.19
CA THR A 73 -18.95 5.20 -0.55
C THR A 73 -18.73 6.70 -0.34
N LEU A 74 -17.59 7.05 0.22
CA LEU A 74 -17.12 8.44 0.20
C LEU A 74 -15.78 8.55 -0.54
N GLY A 75 -15.83 8.97 -1.79
CA GLY A 75 -14.63 9.21 -2.56
C GLY A 75 -14.16 10.65 -2.50
N MET A 76 -12.86 10.86 -2.66
CA MET A 76 -12.24 12.13 -2.34
C MET A 76 -10.89 12.35 -3.00
N ASP A 77 -10.56 13.63 -3.19
CA ASP A 77 -9.25 14.02 -3.68
C ASP A 77 -8.23 13.82 -2.56
N LEU A 78 -7.17 13.09 -2.88
CA LEU A 78 -6.17 12.68 -1.90
C LEU A 78 -5.21 13.79 -1.52
N THR A 79 -4.93 14.68 -2.45
CA THR A 79 -4.03 15.80 -2.16
C THR A 79 -4.75 16.79 -1.26
N SER A 80 -6.07 16.87 -1.41
CA SER A 80 -6.93 17.60 -0.49
C SER A 80 -6.93 16.92 0.89
N LEU A 81 -7.09 15.60 0.90
CA LEU A 81 -7.19 14.86 2.16
C LEU A 81 -5.90 14.85 2.95
N SER A 82 -4.77 14.84 2.27
CA SER A 82 -3.48 14.79 2.94
C SER A 82 -3.15 16.12 3.61
N LYS A 83 -3.61 17.22 3.02
CA LYS A 83 -3.45 18.55 3.61
C LYS A 83 -4.09 18.61 5.00
N ILE A 84 -5.26 17.98 5.14
CA ILE A 84 -5.93 17.88 6.43
C ILE A 84 -5.12 16.97 7.36
N LEU A 85 -4.43 15.99 6.78
CA LEU A 85 -3.65 15.03 7.54
C LEU A 85 -2.35 15.65 8.09
N ARG A 86 -1.93 16.77 7.50
CA ARG A 86 -0.78 17.55 7.96
C ARG A 86 -1.05 18.19 9.33
N CYS A 87 -2.32 18.29 9.70
CA CYS A 87 -2.73 18.73 11.04
C CYS A 87 -2.67 17.53 11.97
N GLY A 88 -1.75 16.61 11.64
CA GLY A 88 -1.80 15.20 12.06
C GLY A 88 -1.34 14.76 13.44
N ASN A 89 -0.25 15.37 13.94
CA ASN A 89 0.34 14.97 15.24
C ASN A 89 0.99 13.59 15.30
N ASN A 90 0.51 12.67 14.44
CA ASN A 90 0.82 11.24 14.48
C ASN A 90 0.39 10.41 15.70
N THR A 91 0.29 11.06 16.86
CA THR A 91 -0.03 10.38 18.11
C THR A 91 -1.38 10.89 18.62
N ASP A 92 -2.20 11.36 17.68
CA ASP A 92 -3.53 11.84 18.03
C ASP A 92 -4.65 10.87 17.66
N THR A 93 -5.72 10.88 18.45
CA THR A 93 -6.84 9.95 18.26
C THR A 93 -7.86 10.46 17.21
N LEU A 94 -7.65 10.01 15.97
CA LEU A 94 -8.43 10.45 14.80
C LEU A 94 -9.72 9.67 14.58
N THR A 95 -10.79 10.42 14.36
CA THR A 95 -12.14 9.88 14.18
C THR A 95 -12.74 10.36 12.86
N LEU A 96 -13.40 9.44 12.14
CA LEU A 96 -14.07 9.77 10.88
C LEU A 96 -15.57 9.63 11.04
N ILE A 97 -16.31 10.66 10.64
CA ILE A 97 -17.77 10.67 10.76
C ILE A 97 -18.43 10.96 9.42
N ALA A 98 -19.50 10.21 9.14
CA ALA A 98 -20.34 10.45 7.97
C ALA A 98 -21.81 10.20 8.30
N ASP A 99 -22.69 10.50 7.35
CA ASP A 99 -24.12 10.21 7.48
C ASP A 99 -24.72 9.63 6.19
N ASN A 100 -26.02 9.33 6.22
CA ASN A 100 -26.71 8.52 5.20
C ASN A 100 -26.22 8.69 3.76
N THR A 101 -26.35 9.88 3.20
CA THR A 101 -25.66 10.22 1.96
C THR A 101 -24.95 11.57 2.13
N PRO A 102 -23.62 11.51 2.34
CA PRO A 102 -22.87 12.65 2.83
C PRO A 102 -22.25 13.54 1.76
N ASP A 103 -22.28 14.85 2.00
CA ASP A 103 -21.58 15.81 1.15
C ASP A 103 -20.13 15.91 1.60
N SER A 104 -19.93 15.69 2.90
CA SER A 104 -18.63 15.83 3.52
C SER A 104 -18.38 14.71 4.50
N ILE A 105 -17.12 14.28 4.56
CA ILE A 105 -16.65 13.47 5.67
C ILE A 105 -16.10 14.41 6.73
N ILE A 106 -16.34 14.08 7.99
CA ILE A 106 -15.80 14.86 9.10
C ILE A 106 -14.60 14.13 9.70
N LEU A 107 -13.48 14.85 9.81
CA LEU A 107 -12.27 14.36 10.48
C LEU A 107 -12.09 15.03 11.83
N LEU A 108 -11.91 14.22 12.87
CA LEU A 108 -11.88 14.71 14.25
C LEU A 108 -10.66 14.24 15.04
N PHE A 109 -9.75 15.18 15.28
CA PHE A 109 -8.52 14.93 16.04
C PHE A 109 -8.70 15.18 17.53
N GLU A 110 -8.05 14.36 18.35
CA GLU A 110 -7.92 14.63 19.79
C GLU A 110 -6.61 14.04 20.31
N ASP A 111 -6.15 14.48 21.47
CA ASP A 111 -5.02 13.83 22.14
C ASP A 111 -5.21 13.73 23.66
N THR A 112 -4.11 13.47 24.36
CA THR A 112 -4.13 13.20 25.80
C THR A 112 -4.79 14.25 26.73
N LYS A 113 -4.46 15.53 26.53
CA LYS A 113 -5.14 16.63 27.22
C LYS A 113 -6.47 16.98 26.53
N LYS A 114 -7.54 17.12 27.31
CA LYS A 114 -8.87 17.46 26.77
C LYS A 114 -8.87 18.76 25.96
N ASP A 115 -7.77 19.50 26.06
CA ASP A 115 -7.63 20.83 25.46
C ASP A 115 -7.81 20.86 23.93
N ARG A 116 -7.25 19.87 23.24
CA ARG A 116 -7.05 20.00 21.79
C ARG A 116 -7.92 18.95 21.08
N ILE A 117 -9.12 19.41 20.70
CA ILE A 117 -10.01 18.67 19.79
C ILE A 117 -10.20 19.61 18.60
N ALA A 118 -9.62 19.23 17.47
CA ALA A 118 -9.82 19.97 16.24
C ALA A 118 -10.78 19.20 15.34
N GLU A 119 -11.64 19.92 14.63
CA GLU A 119 -12.62 19.30 13.76
C GLU A 119 -12.50 19.81 12.33
N TYR A 120 -12.14 18.91 11.42
CA TYR A 120 -12.00 19.23 10.02
C TYR A 120 -13.07 18.55 9.20
N SER A 121 -13.23 19.01 7.96
CA SER A 121 -14.30 18.55 7.12
C SER A 121 -13.87 18.69 5.68
N LEU A 122 -13.92 17.58 4.95
CA LEU A 122 -13.52 17.53 3.56
C LEU A 122 -14.74 17.27 2.72
N LYS A 123 -14.93 18.09 1.69
CA LYS A 123 -16.11 17.92 0.85
C LYS A 123 -15.86 16.82 -0.19
N LEU A 124 -16.82 15.89 -0.28
CA LEU A 124 -16.72 14.68 -1.09
C LEU A 124 -17.03 14.90 -2.56
N MET A 125 -16.76 13.89 -3.37
CA MET A 125 -16.98 13.96 -4.81
C MET A 125 -17.67 12.72 -5.35
N ASP A 126 -18.14 12.81 -6.60
CA ASP A 126 -18.67 11.68 -7.35
C ASP A 126 -17.53 11.08 -8.20
N ILE A 127 -17.17 9.83 -7.93
CA ILE A 127 -16.24 9.06 -8.78
C ILE A 127 -16.94 7.77 -9.24
N ASP A 128 -16.78 7.42 -10.51
CA ASP A 128 -17.38 6.19 -11.05
C ASP A 128 -16.55 4.96 -10.66
N ALA A 129 -17.16 4.08 -9.87
CA ALA A 129 -16.48 2.93 -9.30
C ALA A 129 -16.44 1.74 -10.26
N ASP A 130 -15.36 1.68 -11.03
CA ASP A 130 -15.06 0.49 -11.85
C ASP A 130 -14.12 -0.39 -11.04
N PHE A 131 -14.66 -1.12 -10.07
CA PHE A 131 -13.85 -1.90 -9.13
C PHE A 131 -13.21 -3.14 -9.79
N LEU A 132 -11.96 -3.41 -9.43
CA LEU A 132 -11.14 -4.40 -10.13
C LEU A 132 -10.67 -5.57 -9.26
N LYS A 133 -10.97 -6.79 -9.69
CA LYS A 133 -10.49 -7.98 -9.01
C LYS A 133 -9.56 -8.74 -9.92
N ILE A 134 -8.26 -8.48 -9.80
CA ILE A 134 -7.29 -9.00 -10.76
C ILE A 134 -6.26 -9.96 -10.17
N GLU A 135 -6.42 -10.27 -8.89
CA GLU A 135 -5.55 -11.24 -8.22
C GLU A 135 -5.80 -12.65 -8.74
N GLU A 136 -4.72 -13.33 -9.12
CA GLU A 136 -4.80 -14.67 -9.65
C GLU A 136 -4.72 -15.67 -8.49
N LEU A 137 -5.14 -16.91 -8.77
CA LEU A 137 -5.02 -18.00 -7.82
C LEU A 137 -3.55 -18.35 -7.68
N GLN A 138 -2.94 -18.66 -8.81
CA GLN A 138 -1.59 -19.19 -8.84
C GLN A 138 -0.63 -18.20 -9.44
N TYR A 139 0.49 -18.03 -8.77
CA TYR A 139 1.57 -17.24 -9.30
C TYR A 139 2.75 -18.20 -9.46
N ASP A 140 3.61 -17.93 -10.44
CA ASP A 140 4.84 -18.70 -10.64
C ASP A 140 5.72 -18.77 -9.38
N SER A 141 5.94 -17.63 -8.74
CA SER A 141 6.78 -17.57 -7.53
C SER A 141 6.29 -16.60 -6.47
N THR A 142 6.46 -17.00 -5.21
CA THR A 142 6.12 -16.15 -4.08
C THR A 142 7.29 -16.04 -3.13
N LEU A 143 7.58 -14.83 -2.68
CA LEU A 143 8.63 -14.60 -1.73
C LEU A 143 8.26 -13.46 -0.79
N SER A 144 8.88 -13.46 0.37
CA SER A 144 8.68 -12.42 1.36
C SER A 144 10.00 -12.14 2.02
N LEU A 145 10.26 -10.88 2.31
CA LEU A 145 11.51 -10.46 2.93
C LEU A 145 11.26 -9.17 3.69
N PRO A 146 12.23 -8.71 4.50
CA PRO A 146 12.03 -7.45 5.24
C PRO A 146 11.73 -6.28 4.30
N SER A 147 10.76 -5.45 4.66
CA SER A 147 10.34 -4.37 3.76
C SER A 147 11.43 -3.31 3.63
N SER A 148 12.18 -3.12 4.71
CA SER A 148 13.31 -2.20 4.75
C SER A 148 14.43 -2.64 3.82
N GLU A 149 14.63 -3.96 3.70
CA GLU A 149 15.62 -4.54 2.81
C GLU A 149 15.26 -4.30 1.35
N PHE A 150 13.99 -4.57 1.04
CA PHE A 150 13.46 -4.31 -0.28
C PHE A 150 13.58 -2.83 -0.59
N SER A 151 13.23 -1.98 0.38
CA SER A 151 13.38 -0.54 0.25
C SER A 151 14.72 -0.16 -0.35
N LYS A 152 15.79 -0.73 0.20
CA LYS A 152 17.14 -0.39 -0.20
C LYS A 152 17.45 -0.86 -1.61
N ILE A 153 17.17 -2.13 -1.91
CA ILE A 153 17.46 -2.66 -3.23
C ILE A 153 16.85 -1.77 -4.32
N VAL A 154 15.57 -1.48 -4.20
CA VAL A 154 14.91 -0.64 -5.20
C VAL A 154 15.58 0.74 -5.27
N ARG A 155 15.69 1.42 -4.12
CA ARG A 155 16.30 2.75 -4.05
C ARG A 155 17.66 2.78 -4.73
N ASP A 156 18.50 1.79 -4.40
CA ASP A 156 19.86 1.64 -4.95
C ASP A 156 19.85 1.48 -6.46
N LEU A 157 19.20 0.43 -6.95
CA LEU A 157 19.19 0.14 -8.37
C LEU A 157 18.49 1.22 -9.21
N SER A 158 17.60 2.00 -8.59
CA SER A 158 16.95 3.11 -9.25
C SER A 158 17.94 4.19 -9.71
N GLN A 159 19.13 4.18 -9.11
CA GLN A 159 20.19 5.13 -9.45
C GLN A 159 20.78 4.85 -10.83
N LEU A 160 20.89 3.56 -11.16
CA LEU A 160 21.57 3.14 -12.37
C LEU A 160 20.68 3.11 -13.59
N SER A 161 19.39 2.80 -13.38
CA SER A 161 18.47 2.56 -14.49
C SER A 161 17.05 2.95 -14.15
N ASP A 162 16.23 3.11 -15.19
CA ASP A 162 14.81 3.34 -15.04
C ASP A 162 14.06 2.02 -14.97
N SER A 163 14.82 0.94 -15.00
CA SER A 163 14.28 -0.36 -15.32
C SER A 163 14.97 -1.46 -14.53
N ILE A 164 14.28 -1.95 -13.50
CA ILE A 164 14.78 -3.02 -12.65
C ILE A 164 14.21 -4.37 -13.07
N ASN A 165 15.07 -5.38 -13.13
CA ASN A 165 14.70 -6.73 -13.58
C ASN A 165 14.86 -7.76 -12.46
N ILE A 166 13.75 -8.40 -12.09
CA ILE A 166 13.75 -9.44 -11.07
C ILE A 166 13.79 -10.82 -11.72
N MET A 167 14.64 -11.69 -11.18
CA MET A 167 14.88 -13.00 -11.78
C MET A 167 15.03 -14.07 -10.70
N ILE A 168 14.09 -15.04 -10.69
CA ILE A 168 14.16 -16.17 -9.76
C ILE A 168 14.34 -17.46 -10.54
N THR A 169 15.34 -18.26 -10.15
CA THR A 169 15.69 -19.50 -10.86
C THR A 169 16.08 -20.62 -9.90
N GLU B 1 15.80 -21.49 -5.10
CA GLU B 1 17.26 -21.35 -5.12
C GLU B 1 17.77 -19.91 -4.96
N THR B 2 17.55 -19.04 -5.95
CA THR B 2 18.19 -17.72 -5.98
C THR B 2 17.30 -16.60 -6.49
N ILE B 3 17.27 -15.49 -5.77
CA ILE B 3 16.55 -14.30 -6.22
C ILE B 3 17.55 -13.23 -6.64
N LYS B 4 17.35 -12.66 -7.83
CA LYS B 4 18.35 -11.78 -8.42
C LYS B 4 17.74 -10.48 -8.99
N PHE B 5 18.19 -9.35 -8.42
CA PHE B 5 17.76 -8.02 -8.83
C PHE B 5 18.84 -7.35 -9.65
N VAL B 6 18.48 -6.88 -10.83
CA VAL B 6 19.44 -6.36 -11.80
C VAL B 6 18.93 -5.09 -12.46
N ALA B 7 19.72 -4.02 -12.34
CA ALA B 7 19.49 -2.81 -13.11
C ALA B 7 20.68 -2.65 -14.03
N ASP B 8 20.40 -2.53 -15.32
CA ASP B 8 21.44 -2.39 -16.32
C ASP B 8 21.11 -1.15 -17.12
N GLY B 9 21.73 -0.04 -16.73
CA GLY B 9 21.38 1.25 -17.30
C GLY B 9 22.46 1.91 -18.13
N ASP B 10 22.30 3.21 -18.30
CA ASP B 10 23.12 4.03 -19.17
C ASP B 10 24.55 4.11 -18.67
N ILE B 11 24.69 4.61 -17.44
CA ILE B 11 25.97 4.88 -16.82
C ILE B 11 26.71 3.62 -16.34
N GLY B 12 25.94 2.59 -15.98
CA GLY B 12 26.52 1.32 -15.59
C GLY B 12 25.46 0.27 -15.32
N SER B 13 25.78 -0.65 -14.42
CA SER B 13 24.87 -1.71 -14.04
C SER B 13 25.07 -2.07 -12.58
N GLY B 14 24.03 -2.61 -11.96
CA GLY B 14 24.07 -3.06 -10.57
C GLY B 14 23.35 -4.38 -10.38
N SER B 15 23.80 -5.17 -9.42
CA SER B 15 23.30 -6.53 -9.27
C SER B 15 23.30 -6.98 -7.82
N VAL B 16 22.12 -7.35 -7.32
CA VAL B 16 21.95 -7.83 -5.95
C VAL B 16 21.43 -9.27 -5.97
N ILE B 17 22.08 -10.15 -5.22
CA ILE B 17 21.67 -11.55 -5.12
C ILE B 17 21.35 -11.92 -3.68
N ILE B 18 20.14 -12.44 -3.46
CA ILE B 18 19.77 -12.94 -2.14
C ILE B 18 19.30 -14.39 -2.17
N LYS B 19 19.60 -15.11 -1.09
CA LYS B 19 19.22 -16.52 -0.93
C LYS B 19 18.17 -16.63 0.16
N PRO B 20 17.20 -17.57 -0.01
CA PRO B 20 16.25 -17.82 1.08
C PRO B 20 16.95 -18.41 2.30
N PHE B 21 16.57 -17.95 3.50
CA PHE B 21 17.15 -18.46 4.73
C PHE B 21 16.25 -18.24 5.94
N VAL B 22 16.46 -19.04 6.99
CA VAL B 22 15.74 -18.90 8.26
C VAL B 22 16.65 -18.28 9.33
N ASP B 23 16.08 -17.39 10.13
CA ASP B 23 16.84 -16.65 11.14
C ASP B 23 16.48 -17.05 12.58
N MET B 24 17.47 -17.05 13.46
CA MET B 24 17.27 -17.43 14.86
C MET B 24 16.82 -16.37 15.87
N GLU B 25 17.60 -15.28 16.01
CA GLU B 25 17.33 -14.21 16.99
C GLU B 25 16.09 -13.45 16.55
N HIS B 26 16.08 -13.05 15.28
CA HIS B 26 14.97 -12.30 14.71
C HIS B 26 14.39 -13.08 13.52
N PRO B 27 13.37 -13.94 13.77
CA PRO B 27 12.75 -14.69 12.66
C PRO B 27 12.01 -13.79 11.66
N GLU B 28 11.83 -12.52 12.03
CA GLU B 28 11.18 -11.52 11.16
C GLU B 28 12.14 -10.87 10.16
N THR B 29 13.39 -11.32 10.15
CA THR B 29 14.34 -10.85 9.16
C THR B 29 14.72 -11.98 8.19
N SER B 30 13.96 -13.08 8.24
CA SER B 30 14.15 -14.22 7.36
C SER B 30 13.77 -13.91 5.93
N ILE B 31 14.28 -14.70 5.00
CA ILE B 31 13.94 -14.55 3.61
C ILE B 31 13.27 -15.83 3.13
N LYS B 32 11.96 -15.75 2.96
CA LYS B 32 11.12 -16.88 2.54
C LYS B 32 10.93 -16.86 1.03
N LEU B 33 10.94 -18.04 0.42
CA LEU B 33 10.69 -18.21 -1.02
C LEU B 33 10.19 -19.60 -1.32
N GLU B 34 9.08 -19.68 -2.03
CA GLU B 34 8.64 -20.92 -2.66
C GLU B 34 8.51 -20.68 -4.16
N MET B 35 9.16 -21.54 -4.93
CA MET B 35 9.27 -21.34 -6.35
C MET B 35 8.66 -22.50 -7.17
N ASP B 36 7.47 -22.27 -7.71
CA ASP B 36 6.85 -23.24 -8.62
C ASP B 36 7.46 -23.13 -10.01
N GLN B 37 7.79 -21.91 -10.43
CA GLN B 37 8.39 -21.69 -11.75
C GLN B 37 9.48 -20.61 -11.71
N PRO B 38 10.53 -20.79 -12.54
CA PRO B 38 11.47 -19.68 -12.71
C PRO B 38 10.77 -18.45 -13.30
N VAL B 39 11.11 -17.28 -12.77
CA VAL B 39 10.60 -16.02 -13.28
C VAL B 39 11.74 -15.14 -13.78
N ASP B 40 11.44 -14.28 -14.75
CA ASP B 40 12.40 -13.38 -15.37
C ASP B 40 11.62 -12.18 -15.88
N LEU B 41 11.54 -11.15 -15.05
CA LEU B 41 10.60 -10.05 -15.27
C LEU B 41 11.18 -8.66 -15.02
N THR B 42 10.87 -7.73 -15.91
CA THR B 42 11.34 -6.37 -15.79
C THR B 42 10.21 -5.41 -15.39
N PHE B 43 10.52 -4.52 -14.45
CA PHE B 43 9.58 -3.53 -13.93
C PHE B 43 10.16 -2.11 -13.97
N GLY B 44 9.30 -1.12 -14.16
CA GLY B 44 9.72 0.27 -14.12
C GLY B 44 10.10 0.71 -12.72
N ALA B 45 11.29 1.28 -12.59
CA ALA B 45 11.81 1.73 -11.30
C ALA B 45 10.91 2.81 -10.70
N LYS B 46 10.53 3.75 -11.56
CA LYS B 46 9.53 4.76 -11.24
C LYS B 46 8.50 4.19 -10.26
N TYR B 47 7.91 3.06 -10.62
CA TYR B 47 6.77 2.49 -9.91
C TYR B 47 7.16 1.73 -8.65
N LEU B 48 8.29 1.05 -8.69
CA LEU B 48 8.76 0.34 -7.53
C LEU B 48 9.08 1.33 -6.41
N LEU B 49 9.46 2.55 -6.79
CA LEU B 49 9.76 3.61 -5.83
C LEU B 49 8.51 4.15 -5.13
N ASP B 50 7.39 4.14 -5.85
CA ASP B 50 6.09 4.44 -5.25
C ASP B 50 5.66 3.28 -4.35
N ILE B 51 5.98 2.06 -4.76
CA ILE B 51 5.57 0.86 -4.03
C ILE B 51 6.27 0.74 -2.68
N ILE B 52 7.58 1.02 -2.66
CA ILE B 52 8.38 0.84 -1.44
C ILE B 52 7.97 1.76 -0.28
N LYS B 53 7.25 2.84 -0.59
CA LYS B 53 6.64 3.71 0.41
C LYS B 53 5.91 2.94 1.53
N GLY B 54 5.29 1.81 1.16
CA GLY B 54 4.58 0.96 2.12
C GLY B 54 5.44 0.26 3.14
N SER B 55 6.75 0.49 3.11
CA SER B 55 7.69 -0.10 4.09
C SER B 55 7.39 0.40 5.49
N SER B 56 6.96 1.66 5.55
CA SER B 56 6.61 2.33 6.79
C SER B 56 5.31 1.80 7.39
N LEU B 57 4.74 0.73 6.81
CA LEU B 57 3.47 0.19 7.28
C LEU B 57 3.59 -1.23 7.84
N SER B 58 4.61 -1.95 7.39
CA SER B 58 4.82 -3.34 7.79
C SER B 58 6.29 -3.74 7.73
N ASP B 59 6.68 -4.66 8.60
CA ASP B 59 8.05 -5.16 8.64
C ASP B 59 8.41 -5.92 7.39
N ARG B 60 7.48 -6.72 6.90
CA ARG B 60 7.76 -7.58 5.75
C ARG B 60 6.98 -7.16 4.49
N VAL B 61 7.53 -7.51 3.32
CA VAL B 61 6.85 -7.33 2.06
C VAL B 61 6.64 -8.68 1.39
N GLY B 62 5.42 -8.94 0.92
CA GLY B 62 5.07 -10.21 0.30
C GLY B 62 4.89 -10.04 -1.19
N ILE B 63 5.78 -10.66 -1.96
CA ILE B 63 5.76 -10.52 -3.41
C ILE B 63 5.34 -11.81 -4.10
N ARG B 64 4.37 -11.67 -5.02
CA ARG B 64 3.95 -12.76 -5.87
C ARG B 64 4.27 -12.36 -7.30
N LEU B 65 4.93 -13.26 -8.02
CA LEU B 65 5.37 -12.98 -9.38
C LEU B 65 4.86 -14.03 -10.37
N SER B 66 4.52 -13.56 -11.57
CA SER B 66 4.00 -14.42 -12.60
C SER B 66 4.21 -13.77 -13.95
N SER B 67 4.44 -14.60 -14.95
CA SER B 67 4.57 -14.14 -16.34
C SER B 67 3.19 -13.88 -16.95
N GLU B 68 2.16 -14.41 -16.31
CA GLU B 68 0.81 -14.36 -16.83
C GLU B 68 0.01 -13.13 -16.38
N ALA B 69 0.46 -12.50 -15.29
CA ALA B 69 -0.31 -11.40 -14.71
C ALA B 69 0.57 -10.29 -14.11
N PRO B 70 -0.06 -9.21 -13.63
CA PRO B 70 0.66 -8.22 -12.85
C PRO B 70 1.17 -8.79 -11.54
N ALA B 71 2.41 -8.45 -11.20
CA ALA B 71 3.01 -8.84 -9.93
C ALA B 71 2.28 -8.19 -8.76
N LEU B 72 2.31 -8.84 -7.61
CA LEU B 72 1.62 -8.37 -6.42
C LEU B 72 2.62 -8.13 -5.27
N PHE B 73 2.54 -6.94 -4.69
CA PHE B 73 3.37 -6.55 -3.56
C PHE B 73 2.43 -6.20 -2.43
N GLN B 74 2.68 -6.76 -1.26
CA GLN B 74 1.74 -6.64 -0.16
C GLN B 74 2.42 -6.39 1.17
N PHE B 75 1.93 -5.34 1.83
CA PHE B 75 2.33 -4.99 3.18
C PHE B 75 1.12 -5.21 4.06
N ASP B 76 1.26 -6.10 5.05
CA ASP B 76 0.13 -6.48 5.90
C ASP B 76 0.00 -5.56 7.10
N LEU B 77 -1.24 -5.24 7.43
CA LEU B 77 -1.53 -4.49 8.64
C LEU B 77 -2.03 -5.46 9.69
N LYS B 78 -2.13 -5.02 10.94
CA LYS B 78 -2.81 -5.85 11.93
C LYS B 78 -4.28 -5.82 11.51
N SER B 79 -4.79 -6.96 11.07
CA SER B 79 -6.15 -7.05 10.47
C SER B 79 -6.44 -6.18 9.24
N GLY B 80 -5.63 -6.34 8.20
CA GLY B 80 -5.76 -5.59 6.96
C GLY B 80 -4.52 -5.68 6.10
N PHE B 81 -4.50 -4.96 4.99
CA PHE B 81 -3.33 -4.95 4.10
C PHE B 81 -3.39 -3.81 3.10
N LEU B 82 -2.24 -3.57 2.45
CA LEU B 82 -2.16 -2.63 1.35
C LEU B 82 -1.46 -3.32 0.21
N GLN B 83 -2.15 -3.47 -0.91
CA GLN B 83 -1.62 -4.21 -2.04
C GLN B 83 -1.21 -3.31 -3.17
N PHE B 84 -0.23 -3.77 -3.95
CA PHE B 84 0.20 -3.06 -5.14
C PHE B 84 0.34 -4.06 -6.24
N PHE B 85 -0.50 -3.93 -7.27
CA PHE B 85 -0.34 -4.74 -8.47
C PHE B 85 0.36 -3.89 -9.51
N LEU B 86 1.45 -4.41 -10.05
CA LEU B 86 2.20 -3.68 -11.05
C LEU B 86 2.47 -4.57 -12.24
N ALA B 87 2.07 -4.11 -13.43
CA ALA B 87 2.27 -4.88 -14.66
C ALA B 87 3.72 -4.79 -15.10
N PRO B 88 4.35 -5.94 -15.39
CA PRO B 88 5.74 -5.91 -15.88
C PRO B 88 5.80 -5.37 -17.30
N LYS B 89 7.01 -5.08 -17.78
CA LYS B 89 7.15 -4.54 -19.12
C LYS B 89 7.10 -5.68 -20.12
N PHE B 90 6.50 -5.42 -21.30
CA PHE B 90 6.43 -6.39 -22.40
C PHE B 90 7.84 -6.68 -22.92
N ASN B 91 8.61 -5.60 -23.13
CA ASN B 91 9.98 -5.65 -23.62
C ASN B 91 10.87 -4.58 -22.96
#